data_5HQF
#
_entry.id   5HQF
#
loop_
_entity.id
_entity.type
_entity.pdbx_description
1 polymer "DNA (5'-D(*CP*GP*CP*TP*CP*(RIB)P*CP*AP*CP*GP*C)-3')"
2 polymer "DNA (5'-D(*GP*CP*GP*TP*GP*GP*GP*AP*(8OG)P*CP*G)-3')"
#
loop_
_entity_poly.entity_id
_entity_poly.type
_entity_poly.pdbx_seq_one_letter_code
_entity_poly.pdbx_strand_id
1 'polydeoxyribonucleotide' (DC)(DG)(DC)(DT)(DC)(63T)(DC)(DA)(DC)(DG)(DC) A
2 'polydeoxyribonucleotide' (DG)(DC)(DG)(DT)(DG)(DG)(DG)(DA)(8OG)(DC)(DG) B
#
loop_
_chem_comp.id
_chem_comp.type
_chem_comp.name
_chem_comp.formula
63T non-polymer '[(2R,3S)-3-hydroxy-5-oxotetrahydrofuran-2-yl]methyl dihydrogen phosphate (non-preferred name)' 'C5 H9 O7 P'
8OG DNA linking 8-OXO-2'-DEOXY-GUANOSINE-5'-MONOPHOSPHATE 'C10 H14 N5 O8 P'
DA DNA linking 2'-DEOXYADENOSINE-5'-MONOPHOSPHATE 'C10 H14 N5 O6 P'
DC DNA linking 2'-DEOXYCYTIDINE-5'-MONOPHOSPHATE 'C9 H14 N3 O7 P'
DG DNA linking 2'-DEOXYGUANOSINE-5'-MONOPHOSPHATE 'C10 H14 N5 O7 P'
DT DNA linking THYMIDINE-5'-MONOPHOSPHATE 'C10 H15 N2 O8 P'
#
# COMPACT_ATOMS: atom_id res chain seq x y z
O5' 63T A 6 8.39 4.21 1.52
C5' 63T A 6 8.86 3.50 0.42
C4' 63T A 6 7.88 3.55 -0.78
O4' 63T A 6 6.64 2.84 -0.69
C3' 63T A 6 7.43 5.03 -1.05
O3' 63T A 6 7.57 5.23 -2.41
C2' 63T A 6 6.04 5.11 -0.51
C1' 63T A 6 5.62 3.60 -0.38
O1' 63T A 6 4.55 3.30 0.07
P 63T A 6 8.23 3.62 2.98
O1P 63T A 6 8.21 4.74 3.96
O2P 63T A 6 9.16 2.45 3.25
H5'1 63T A 6 8.93 2.43 0.61
H5'2 63T A 6 9.82 3.91 0.12
H4' 63T A 6 8.42 3.19 -1.65
H3' 63T A 6 8.08 5.74 -0.53
H2'2 63T A 6 5.35 5.57 -1.21
H2'1 63T A 6 6.00 5.56 0.48
P 8OG B 9 -4.81 -1.53 -4.12
OP1 8OG B 9 -4.13 -1.85 -5.41
OP2 8OG B 9 -6.29 -1.70 -4.00
O5' 8OG B 9 -4.17 -2.39 -3.02
C5' 8OG B 9 -2.83 -2.23 -2.78
C4' 8OG B 9 -2.31 -3.14 -1.63
O4' 8OG B 9 -2.64 -2.54 -0.36
C3' 8OG B 9 -2.87 -4.56 -1.59
O3' 8OG B 9 -1.75 -5.38 -1.30
C2' 8OG B 9 -3.94 -4.49 -0.44
C1' 8OG B 9 -3.31 -3.44 0.48
N9 8OG B 9 -4.30 -2.70 1.32
C8 8OG B 9 -5.52 -2.17 1.03
N7 8OG B 9 -6.12 -1.47 1.95
C5 8OG B 9 -5.20 -1.55 3.06
C6 8OG B 9 -5.28 -1.03 4.35
O6 8OG B 9 -6.06 -0.19 4.84
N1 8OG B 9 -4.22 -1.41 5.08
C2 8OG B 9 -3.22 -2.21 4.68
N2 8OG B 9 -2.21 -2.42 5.50
N3 8OG B 9 -3.06 -2.68 3.42
C4 8OG B 9 -4.13 -2.34 2.62
O8 8OG B 9 -6.07 -2.40 -0.05
H5' 8OG B 9 -2.62 -1.18 -2.54
H5'' 8OG B 9 -2.26 -2.37 -3.70
H4' 8OG B 9 -1.23 -3.13 -1.67
H3' 8OG B 9 -3.32 -4.90 -2.51
H2' 8OG B 9 -4.88 -4.27 -0.94
H2'' 8OG B 9 -4.10 -5.35 0.22
H1' 8OG B 9 -2.59 -3.92 1.13
H7 8OG B 9 -7.09 -1.20 1.85
H1 8OG B 9 -4.11 -1.12 6.04
H21 8OG B 9 -1.51 -3.08 5.19
H22 8OG B 9 -2.13 -2.22 6.48
O5' 63T A 6 7.91 3.78 1.68
C5' 63T A 6 8.25 3.25 0.44
C4' 63T A 6 7.34 3.50 -0.74
O4' 63T A 6 6.01 3.08 -0.52
C3' 63T A 6 7.26 5.01 -1.14
O3' 63T A 6 7.20 5.15 -2.54
C2' 63T A 6 5.95 5.43 -0.50
C1' 63T A 6 5.21 4.13 -0.37
O1' 63T A 6 4.05 3.97 -0.25
P 63T A 6 8.22 3.03 2.99
O1P 63T A 6 8.07 4.04 4.03
O2P 63T A 6 9.44 2.27 2.77
H5'1 63T A 6 8.52 2.20 0.49
H5'2 63T A 6 9.26 3.68 0.34
H4' 63T A 6 7.73 3.03 -1.63
H3' 63T A 6 8.10 5.52 -0.66
H2'2 63T A 6 5.43 6.23 -1.02
H2'1 63T A 6 6.16 5.83 0.50
P 8OG B 9 -5.01 -1.66 -4.46
OP1 8OG B 9 -4.28 -2.08 -5.68
OP2 8OG B 9 -6.47 -1.49 -4.57
O5' 8OG B 9 -4.47 -2.72 -3.34
C5' 8OG B 9 -3.07 -2.99 -3.25
C4' 8OG B 9 -2.63 -3.71 -1.95
O4' 8OG B 9 -3.00 -2.92 -0.83
C3' 8OG B 9 -3.21 -5.18 -1.72
O3' 8OG B 9 -2.08 -5.91 -1.12
C2' 8OG B 9 -4.40 -4.83 -0.75
C1' 8OG B 9 -3.70 -3.76 0.05
N9 8OG B 9 -4.48 -2.79 0.79
C8 8OG B 9 -5.80 -2.32 0.64
N7 8OG B 9 -6.16 -1.47 1.47
C5 8OG B 9 -5.18 -1.46 2.48
C6 8OG B 9 -5.15 -0.88 3.79
O6 8OG B 9 -6.00 -0.26 4.36
N1 8OG B 9 -3.97 -1.12 4.46
C2 8OG B 9 -2.99 -1.88 3.94
N2 8OG B 9 -2.02 -2.20 4.73
N3 8OG B 9 -2.98 -2.57 2.78
C4 8OG B 9 -4.16 -2.29 2.09
O8 8OG B 9 -6.61 -2.55 -0.27
H5' 8OG B 9 -2.62 -2.00 -3.26
H5'' 8OG B 9 -2.79 -3.57 -4.13
H4' 8OG B 9 -1.55 -3.77 -2.02
H3' 8OG B 9 -3.58 -5.61 -2.65
H2' 8OG B 9 -5.21 -4.48 -1.38
H2'' 8OG B 9 -4.67 -5.67 -0.12
H1' 8OG B 9 -3.03 -4.25 0.76
H7 8OG B 9 -7.13 -1.22 1.57
H1 8OG B 9 -3.94 -1.04 5.47
H21 8OG B 9 -1.29 -2.77 4.31
H22 8OG B 9 -1.89 -1.81 5.65
O5' 63T A 6 6.98 4.00 0.90
C5' 63T A 6 7.16 3.26 -0.32
C4' 63T A 6 6.37 3.77 -1.47
O4' 63T A 6 5.05 3.39 -1.09
C3' 63T A 6 6.44 5.29 -1.71
O3' 63T A 6 6.57 5.47 -3.08
C2' 63T A 6 5.18 5.71 -1.00
C1' 63T A 6 4.42 4.50 -0.61
O1' 63T A 6 3.50 4.45 0.15
P 63T A 6 7.66 3.49 2.22
O1P 63T A 6 7.55 4.56 3.25
O2P 63T A 6 9.04 3.06 2.02
H5'1 63T A 6 6.84 2.25 -0.12
H5'2 63T A 6 8.23 3.29 -0.55
H4' 63T A 6 6.66 3.22 -2.36
H3' 63T A 6 7.36 5.53 -1.18
H2'2 63T A 6 4.72 6.38 -1.71
H2'1 63T A 6 5.38 6.15 -0.02
P 8OG B 9 -3.78 -1.56 -4.11
OP1 8OG B 9 -2.82 -1.82 -5.22
OP2 8OG B 9 -5.18 -2.00 -4.33
O5' 8OG B 9 -3.12 -2.30 -2.92
C5' 8OG B 9 -1.74 -2.19 -2.61
C4' 8OG B 9 -1.33 -3.20 -1.56
O4' 8OG B 9 -1.83 -2.73 -0.32
C3' 8OG B 9 -1.84 -4.62 -1.79
O3' 8OG B 9 -0.87 -5.59 -1.56
C2' 8OG B 9 -3.08 -4.65 -0.82
C1' 8OG B 9 -2.63 -3.68 0.34
N9 8OG B 9 -3.77 -2.89 0.96
C8 8OG B 9 -5.01 -2.38 0.53
N7 8OG B 9 -5.68 -1.66 1.32
C5 8OG B 9 -4.94 -1.73 2.49
C6 8OG B 9 -5.14 -1.23 3.81
O6 8OG B 9 -6.02 -0.53 4.19
N1 8OG B 9 -4.25 -1.68 4.74
C2 8OG B 9 -3.11 -2.30 4.38
N2 8OG B 9 -2.24 -2.63 5.28
N3 8OG B 9 -2.84 -2.75 3.21
C4 8OG B 9 -3.80 -2.43 2.25
O8 8OG B 9 -5.63 -2.73 -0.47
H5' 8OG B 9 -1.54 -1.18 -2.25
H5'' 8OG B 9 -1.13 -2.42 -3.49
H4' 8OG B 9 -0.25 -3.17 -1.52
H3' 8OG B 9 -2.17 -4.85 -2.80
H2' 8OG B 9 -3.98 -4.38 -1.36
H2'' 8OG B 9 -3.22 -5.67 -0.45
H1' 8OG B 9 -2.03 -4.22 1.08
H7 8OG B 9 -6.40 -1.09 0.91
H1 8OG B 9 -4.33 -1.24 5.66
H21 8OG B 9 -1.43 -3.13 4.93
H22 8OG B 9 -2.47 -2.36 6.22
O5' 63T A 6 7.47 3.99 1.91
C5' 63T A 6 8.15 3.56 0.71
C4' 63T A 6 7.43 3.90 -0.55
O4' 63T A 6 6.19 3.28 -0.47
C3' 63T A 6 7.23 5.39 -0.91
O3' 63T A 6 7.36 5.65 -2.31
C2' 63T A 6 5.78 5.56 -0.37
C1' 63T A 6 5.27 4.18 -0.21
O1' 63T A 6 4.08 3.91 0.08
P 63T A 6 7.92 3.59 3.35
O1P 63T A 6 7.60 4.66 4.30
O2P 63T A 6 9.29 3.06 3.26
H5'1 63T A 6 8.17 2.48 0.81
H5'2 63T A 6 9.16 3.97 0.67
H4' 63T A 6 8.00 3.37 -1.31
H3' 63T A 6 7.98 5.99 -0.39
H2'2 63T A 6 5.07 5.91 -1.13
H2'1 63T A 6 5.80 6.15 0.54
P 8OG B 9 -4.89 -0.63 -4.92
OP1 8OG B 9 -4.27 -0.77 -6.24
OP2 8OG B 9 -6.37 -0.65 -4.92
O5' 8OG B 9 -4.35 -1.69 -3.87
C5' 8OG B 9 -2.99 -1.81 -3.63
C4' 8OG B 9 -2.55 -2.59 -2.35
O4' 8OG B 9 -3.03 -2.02 -1.20
C3' 8OG B 9 -2.95 -4.04 -2.36
O3' 8OG B 9 -1.80 -4.73 -1.97
C2' 8OG B 9 -4.12 -3.95 -1.34
C1' 8OG B 9 -3.51 -2.95 -0.30
N9 8OG B 9 -4.38 -2.23 0.58
C8 8OG B 9 -5.56 -1.49 0.33
N7 8OG B 9 -6.07 -0.87 1.32
C5 8OG B 9 -5.22 -1.29 2.42
C6 8OG B 9 -5.30 -0.92 3.82
O6 8OG B 9 -6.11 -0.21 4.39
N1 8OG B 9 -4.25 -1.40 4.58
C2 8OG B 9 -3.24 -2.21 4.06
N2 8OG B 9 -2.32 -2.56 4.95
N3 8OG B 9 -3.16 -2.52 2.69
C4 8OG B 9 -4.15 -1.97 1.90
O8 8OG B 9 -6.08 -1.41 -0.75
H5' 8OG B 9 -2.53 -0.84 -3.49
H5'' 8OG B 9 -2.53 -2.26 -4.52
H4' 8OG B 9 -1.46 -2.54 -2.32
H3' 8OG B 9 -3.20 -4.37 -3.37
H2' 8OG B 9 -5.02 -3.52 -1.79
H2'' 8OG B 9 -4.29 -4.98 -1.05
H1' 8OG B 9 -2.69 -3.35 0.29
H7 8OG B 9 -6.90 -0.29 1.32
H1 8OG B 9 -4.12 -1.19 5.56
H21 8OG B 9 -1.59 -3.18 4.65
H22 8OG B 9 -2.43 -2.33 5.92
O5' 63T A 6 7.40 4.22 1.08
C5' 63T A 6 7.79 3.58 -0.19
C4' 63T A 6 6.83 4.09 -1.31
O4' 63T A 6 5.52 3.70 -0.92
C3' 63T A 6 6.84 5.63 -1.29
O3' 63T A 6 6.67 5.90 -2.69
C2' 63T A 6 5.52 6.00 -0.46
C1' 63T A 6 4.87 4.66 -0.34
O1' 63T A 6 3.76 4.57 0.14
P 63T A 6 7.86 3.64 2.50
O1P 63T A 6 7.57 4.66 3.56
O2P 63T A 6 9.29 3.08 2.35
H5'1 63T A 6 7.59 2.51 -0.08
H5'2 63T A 6 8.81 3.88 -0.43
H4' 63T A 6 7.05 3.85 -2.35
H3' 63T A 6 7.74 6.04 -0.82
H2'2 63T A 6 4.85 6.71 -0.93
H2'1 63T A 6 5.78 6.27 0.56
P 8OG B 9 -4.56 -0.36 -4.96
OP1 8OG B 9 -4.03 -0.64 -6.31
OP2 8OG B 9 -6.00 -0.48 -4.71
O5' 8OG B 9 -3.77 -1.14 -3.88
C5' 8OG B 9 -2.37 -1.04 -3.60
C4' 8OG B 9 -2.03 -2.26 -2.67
O4' 8OG B 9 -2.35 -1.82 -1.32
C3' 8OG B 9 -2.74 -3.59 -2.87
O3' 8OG B 9 -1.71 -4.62 -2.79
C2' 8OG B 9 -3.83 -3.54 -1.73
C1' 8OG B 9 -3.17 -2.75 -0.66
N9 8OG B 9 -4.11 -2.09 0.34
C8 8OG B 9 -5.29 -1.40 0.21
N7 8OG B 9 -5.72 -0.86 1.26
C5 8OG B 9 -4.82 -1.21 2.25
C6 8OG B 9 -4.90 -1.04 3.69
O6 8OG B 9 -5.66 -0.36 4.29
N1 8OG B 9 -3.85 -1.63 4.30
C2 8OG B 9 -3.01 -2.56 3.75
N2 8OG B 9 -2.16 -3.21 4.49
N3 8OG B 9 -2.89 -2.76 2.40
C4 8OG B 9 -3.84 -2.04 1.72
O8 8OG B 9 -5.94 -1.31 -0.84
H5' 8OG B 9 -2.12 -0.10 -3.11
H5'' 8OG B 9 -1.66 -1.19 -4.42
H4' 8OG B 9 -0.95 -2.38 -2.76
H3' 8OG B 9 -3.16 -3.57 -3.87
H2' 8OG B 9 -4.67 -3.01 -2.18
H2'' 8OG B 9 -4.12 -4.51 -1.34
H1' 8OG B 9 -2.51 -3.44 -0.12
H7 8OG B 9 -6.57 -0.34 1.43
H1 8OG B 9 -3.83 -1.48 5.30
H21 8OG B 9 -1.45 -3.73 4.01
H22 8OG B 9 -2.05 -2.96 5.47
O5' 63T A 6 7.69 4.47 1.23
C5' 63T A 6 7.96 3.88 -0.02
C4' 63T A 6 7.16 4.40 -1.27
O4' 63T A 6 5.80 3.94 -1.08
C3' 63T A 6 7.19 5.92 -1.45
O3' 63T A 6 7.31 6.24 -2.81
C2' 63T A 6 5.83 6.22 -0.77
C1' 63T A 6 5.04 4.97 -0.80
O1' 63T A 6 3.89 4.91 -0.36
P 63T A 6 8.02 3.57 2.50
O1P 63T A 6 7.94 4.51 3.67
O2P 63T A 6 9.27 2.90 2.30
H5'1 63T A 6 7.86 2.79 0.01
H5'2 63T A 6 9.01 4.14 -0.16
H4' 63T A 6 7.65 4.00 -2.15
H3' 63T A 6 7.97 6.36 -0.82
H2'2 63T A 6 5.25 6.97 -1.30
H2'1 63T A 6 6.04 6.41 0.28
P 8OG B 9 -4.71 -0.84 -4.87
OP1 8OG B 9 -4.03 -1.19 -6.14
OP2 8OG B 9 -6.20 -0.91 -4.66
O5' 8OG B 9 -4.06 -1.77 -3.73
C5' 8OG B 9 -2.67 -1.74 -3.54
C4' 8OG B 9 -2.16 -2.50 -2.33
O4' 8OG B 9 -2.51 -1.89 -1.09
C3' 8OG B 9 -2.62 -3.98 -2.29
O3' 8OG B 9 -1.45 -4.71 -1.90
C2' 8OG B 9 -3.60 -3.94 -1.16
C1' 8OG B 9 -3.09 -2.83 -0.27
N9 8OG B 9 -4.06 -2.19 0.66
C8 8OG B 9 -5.30 -1.69 0.45
N7 8OG B 9 -5.84 -1.08 1.45
C5 8OG B 9 -4.98 -1.31 2.49
C6 8OG B 9 -4.99 -0.89 3.89
O6 8OG B 9 -5.76 -0.14 4.51
N1 8OG B 9 -3.91 -1.37 4.59
C2 8OG B 9 -2.93 -2.07 4.04
N2 8OG B 9 -2.05 -2.32 4.96
N3 8OG B 9 -2.79 -2.33 2.79
C4 8OG B 9 -3.92 -1.98 2.05
O8 8OG B 9 -5.94 -1.66 -0.61
H5' 8OG B 9 -2.26 -0.72 -3.46
H5'' 8OG B 9 -2.13 -2.08 -4.42
H4' 8OG B 9 -1.07 -2.60 -2.30
H3' 8OG B 9 -2.97 -4.35 -3.25
H2' 8OG B 9 -4.61 -3.77 -1.52
H2'' 8OG B 9 -3.61 -4.99 -0.83
H1' 8OG B 9 -2.31 -3.28 0.35
H7 8OG B 9 -6.65 -0.47 1.46
H1 8OG B 9 -3.96 -1.13 5.57
H21 8OG B 9 -1.24 -2.87 4.74
H22 8OG B 9 -2.32 -2.20 5.93
O5' 63T A 6 7.61 4.02 1.34
C5' 63T A 6 7.71 3.33 0.08
C4' 63T A 6 6.55 3.77 -0.84
O4' 63T A 6 5.24 3.42 -0.41
C3' 63T A 6 6.47 5.26 -1.20
O3' 63T A 6 6.38 5.35 -2.57
C2' 63T A 6 5.17 5.73 -0.52
C1' 63T A 6 4.44 4.41 -0.33
O1' 63T A 6 3.23 4.33 -0.21
P 63T A 6 7.94 3.26 2.64
O1P 63T A 6 7.88 4.18 3.71
O2P 63T A 6 9.19 2.57 2.44
H5'1 63T A 6 7.65 2.25 0.04
H5'2 63T A 6 8.65 3.51 -0.43
H4' 63T A 6 6.73 3.28 -1.80
H3' 63T A 6 7.30 5.76 -0.72
H2'2 63T A 6 4.69 6.47 -1.15
H2'1 63T A 6 5.45 6.14 0.45
P 8OG B 9 -4.34 -0.58 -4.62
OP1 8OG B 9 -3.54 -0.92 -5.78
OP2 8OG B 9 -5.81 -0.50 -4.72
O5' 8OG B 9 -3.89 -1.58 -3.45
C5' 8OG B 9 -2.47 -1.83 -3.29
C4' 8OG B 9 -2.05 -2.88 -2.20
O4' 8OG B 9 -2.24 -2.41 -0.87
C3' 8OG B 9 -2.71 -4.24 -2.36
O3' 8OG B 9 -1.77 -5.26 -2.14
C2' 8OG B 9 -3.81 -4.10 -1.31
C1' 8OG B 9 -3.16 -3.26 -0.21
N9 8OG B 9 -4.13 -2.49 0.63
C8 8OG B 9 -5.26 -1.76 0.30
N7 8OG B 9 -5.82 -1.03 1.25
C5 8OG B 9 -4.92 -1.28 2.31
C6 8OG B 9 -4.95 -0.85 3.72
O6 8OG B 9 -5.93 -0.32 4.30
N1 8OG B 9 -3.78 -1.14 4.41
C2 8OG B 9 -2.88 -2.05 3.99
N2 8OG B 9 -1.95 -2.40 4.81
N3 8OG B 9 -2.90 -2.56 2.75
C4 8OG B 9 -3.89 -2.14 1.93
O8 8OG B 9 -5.84 -1.78 -0.78
H5' 8OG B 9 -1.91 -0.97 -2.91
H5'' 8OG B 9 -2.06 -2.12 -4.26
H4' 8OG B 9 -0.97 -2.98 -2.38
H3' 8OG B 9 -3.13 -4.40 -3.35
H2' 8OG B 9 -4.66 -3.58 -1.73
H2'' 8OG B 9 -4.23 -5.01 -0.85
H1' 8OG B 9 -2.56 -3.93 0.40
H7 8OG B 9 -6.61 -0.41 1.36
H1 8OG B 9 -3.82 -0.95 5.40
H21 8OG B 9 -1.21 -2.98 4.45
H22 8OG B 9 -1.97 -2.11 5.78
O5' 63T A 6 7.50 4.40 0.63
C5' 63T A 6 7.64 3.56 -0.53
C4' 63T A 6 6.68 3.91 -1.61
O4' 63T A 6 5.35 3.53 -1.38
C3' 63T A 6 6.52 5.43 -1.82
O3' 63T A 6 6.70 5.69 -3.24
C2' 63T A 6 5.09 5.85 -1.34
C1' 63T A 6 4.43 4.50 -1.21
O1' 63T A 6 3.24 4.34 -0.89
P 63T A 6 8.05 3.94 2.10
O1P 63T A 6 7.91 5.17 2.95
O2P 63T A 6 9.39 3.40 1.80
H5'1 63T A 6 7.46 2.53 -0.26
H5'2 63T A 6 8.64 3.87 -0.80
H4' 63T A 6 7.09 3.53 -2.54
H3' 63T A 6 7.28 5.95 -1.24
H2'2 63T A 6 4.59 6.53 -2.03
H2'1 63T A 6 5.07 6.32 -0.37
P 8OG B 9 -4.20 -0.90 -5.42
OP1 8OG B 9 -3.61 -1.24 -6.76
OP2 8OG B 9 -5.66 -1.02 -5.23
O5' 8OG B 9 -3.45 -1.77 -4.28
C5' 8OG B 9 -2.08 -1.63 -4.05
C4' 8OG B 9 -1.80 -2.54 -2.79
O4' 8OG B 9 -2.31 -1.84 -1.65
C3' 8OG B 9 -2.39 -3.93 -2.73
O3' 8OG B 9 -1.62 -4.98 -2.12
C2' 8OG B 9 -3.64 -3.73 -1.82
C1' 8OG B 9 -2.98 -2.69 -0.83
N9 8OG B 9 -3.91 -2.00 0.10
C8 8OG B 9 -5.16 -1.51 0.01
N7 8OG B 9 -5.72 -1.04 1.06
C5 8OG B 9 -4.71 -1.20 2.00
C6 8OG B 9 -4.82 -0.90 3.39
O6 8OG B 9 -5.78 -0.50 4.00
N1 8OG B 9 -3.71 -1.30 4.09
C2 8OG B 9 -2.64 -1.94 3.54
N2 8OG B 9 -1.75 -2.47 4.36
N3 8OG B 9 -2.50 -2.29 2.27
C4 8OG B 9 -3.61 -1.87 1.50
O8 8OG B 9 -5.69 -1.36 -1.07
H5' 8OG B 9 -1.93 -0.59 -3.78
H5'' 8OG B 9 -1.40 -1.91 -4.85
H4' 8OG B 9 -0.73 -2.63 -2.69
H3' 8OG B 9 -2.63 -4.35 -3.71
H2' 8OG B 9 -4.48 -3.28 -2.36
H2'' 8OG B 9 -3.95 -4.65 -1.36
H1' 8OG B 9 -2.30 -3.26 -0.20
H7 8OG B 9 -6.65 -0.70 1.28
H1 8OG B 9 -3.70 -1.09 5.09
H21 8OG B 9 -0.93 -2.94 4.00
H22 8OG B 9 -1.78 -2.39 5.36
O5' 63T A 6 7.52 4.46 1.26
C5' 63T A 6 7.87 3.68 0.11
C4' 63T A 6 7.22 4.19 -1.15
O4' 63T A 6 5.84 3.88 -1.03
C3' 63T A 6 7.22 5.72 -1.31
O3' 63T A 6 7.24 6.03 -2.70
C2' 63T A 6 5.93 6.10 -0.62
C1' 63T A 6 5.15 4.85 -0.54
O1' 63T A 6 4.08 4.76 -0.02
P 63T A 6 8.10 3.99 2.66
O1P 63T A 6 8.00 4.97 3.76
O2P 63T A 6 9.45 3.43 2.43
H5'1 63T A 6 7.63 2.63 0.25
H5'2 63T A 6 8.96 3.74 0.12
H4' 63T A 6 7.76 3.78 -2.01
H3' 63T A 6 8.07 6.14 -0.78
H2'2 63T A 6 5.51 6.91 -1.22
H2'1 63T A 6 6.16 6.35 0.41
P 8OG B 9 -4.57 -1.30 -5.09
OP1 8OG B 9 -3.81 -1.68 -6.31
OP2 8OG B 9 -6.03 -1.47 -5.07
O5' 8OG B 9 -3.92 -2.20 -3.97
C5' 8OG B 9 -2.56 -1.93 -3.67
C4' 8OG B 9 -2.14 -2.64 -2.41
O4' 8OG B 9 -2.65 -2.13 -1.24
C3' 8OG B 9 -2.52 -4.14 -2.48
O3' 8OG B 9 -1.44 -4.96 -2.01
C2' 8OG B 9 -3.71 -4.17 -1.47
C1' 8OG B 9 -3.26 -3.14 -0.46
N9 8OG B 9 -4.33 -2.46 0.33
C8 8OG B 9 -5.56 -1.84 -0.04
N7 8OG B 9 -6.02 -1.08 0.88
C5 8OG B 9 -5.12 -1.12 2.00
C6 8OG B 9 -5.27 -0.66 3.35
O6 8OG B 9 -6.13 0.01 3.85
N1 8OG B 9 -4.20 -1.04 4.09
C2 8OG B 9 -3.18 -1.75 3.63
N2 8OG B 9 -2.19 -2.11 4.44
N3 8OG B 9 -3.01 -2.28 2.43
C4 8OG B 9 -4.04 -1.92 1.60
O8 8OG B 9 -6.17 -2.05 -1.08
H5' 8OG B 9 -2.43 -0.85 -3.56
H5'' 8OG B 9 -2.00 -2.39 -4.48
H4' 8OG B 9 -1.05 -2.54 -2.33
H3' 8OG B 9 -2.97 -4.48 -3.41
H2' 8OG B 9 -4.63 -3.85 -1.96
H2'' 8OG B 9 -3.75 -5.17 -1.06
H1' 8OG B 9 -2.52 -3.56 0.22
H7 8OG B 9 -6.87 -0.54 0.80
H1 8OG B 9 -4.17 -0.74 5.06
H21 8OG B 9 -1.55 -2.72 3.94
H22 8OG B 9 -2.12 -1.85 5.41
O5' 63T A 6 7.55 4.36 1.08
C5' 63T A 6 8.10 3.83 -0.13
C4' 63T A 6 7.24 4.15 -1.37
O4' 63T A 6 6.08 3.37 -1.09
C3' 63T A 6 6.80 5.63 -1.58
O3' 63T A 6 6.68 5.83 -3.02
C2' 63T A 6 5.42 5.69 -0.94
C1' 63T A 6 5.04 4.21 -0.86
O1' 63T A 6 3.90 3.92 -0.52
P 63T A 6 7.70 3.67 2.48
O1P 63T A 6 7.43 4.73 3.49
O2P 63T A 6 8.96 2.90 2.51
H5'1 63T A 6 8.19 2.76 0.02
H5'2 63T A 6 9.14 4.10 -0.22
H4' 63T A 6 7.82 3.82 -2.24
H3' 63T A 6 7.56 6.23 -1.07
H2'2 63T A 6 4.76 6.31 -1.55
H2'1 63T A 6 5.50 6.11 0.07
P 8OG B 9 -5.13 -1.10 -4.78
OP1 8OG B 9 -4.74 -1.66 -6.10
OP2 8OG B 9 -6.58 -1.09 -4.47
O5' 8OG B 9 -4.41 -1.79 -3.54
C5' 8OG B 9 -3.02 -1.94 -3.52
C4' 8OG B 9 -2.60 -2.85 -2.37
O4' 8OG B 9 -2.68 -2.24 -1.07
C3' 8OG B 9 -3.23 -4.24 -2.30
O3' 8OG B 9 -2.16 -5.15 -2.08
C2' 8OG B 9 -4.22 -4.03 -1.16
C1' 8OG B 9 -3.44 -3.11 -0.26
N9 8OG B 9 -4.17 -2.22 0.69
C8 8OG B 9 -5.42 -1.59 0.52
N7 8OG B 9 -5.80 -0.80 1.48
C5 8OG B 9 -4.86 -1.14 2.48
C6 8OG B 9 -4.81 -0.86 3.87
O6 8OG B 9 -5.52 -0.12 4.52
N1 8OG B 9 -3.79 -1.56 4.54
C2 8OG B 9 -2.76 -2.21 3.98
N2 8OG B 9 -1.91 -2.81 4.68
N3 8OG B 9 -2.81 -2.53 2.63
C4 8OG B 9 -3.89 -2.02 2.02
O8 8OG B 9 -6.16 -1.79 -0.47
H5' 8OG B 9 -2.57 -0.96 -3.36
H5'' 8OG B 9 -2.70 -2.43 -4.44
H4' 8OG B 9 -1.56 -2.95 -2.70
H3' 8OG B 9 -3.69 -4.55 -3.24
H2' 8OG B 9 -5.09 -3.54 -1.59
H2'' 8OG B 9 -4.55 -4.96 -0.67
H1' 8OG B 9 -2.82 -3.64 0.46
H7 8OG B 9 -6.57 -0.16 1.50
H1 8OG B 9 -3.64 -1.29 5.50
H21 8OG B 9 -1.42 -3.53 4.17
H22 8OG B 9 -2.14 -2.81 5.66
#